data_4HKC
#
_entry.id   4HKC
#
_cell.length_a   89.030
_cell.length_b   111.600
_cell.length_c   72.990
_cell.angle_alpha   90.00
_cell.angle_beta   90.00
_cell.angle_gamma   90.00
#
_symmetry.space_group_name_H-M   'C 2 2 21'
#
loop_
_entity.id
_entity.type
_entity.pdbx_description
1 polymer '14-3-3 protein zeta/delta'
2 polymer 'alpha-4 integrin derived phosphorylated peptide'
3 non-polymer GLYCEROL
4 water water
#
loop_
_entity_poly.entity_id
_entity_poly.type
_entity_poly.pdbx_seq_one_letter_code
_entity_poly.pdbx_strand_id
1 'polypeptide(L)'
;GPLGSMDKNELVQKAKLAEQAERYDDMAACMKSVTEQGAELSNEERNLLSVAYKNVVGARRSSWRVVSSIEQKTEGAEKK
QQMAREYREKIETELRDICNDVLSLLEKFLIPNASQAESKVFYLKMKGDYYRYLAEVAAGDDKKGIVDQSQQAYQEAFEI
SKKEMQPTHPIRLGLALNFSVFYYEILNSPEKACSLAKTAFDEAIAELDTLSEESYKDSTLIMQLLRDNLTLWTSDTQGD
EAEAGEGGEN
;
A
2 'polypeptide(L)' GFFKRQYK(SEP)ILQEENRRDSWSYINSKSNDD B
#
loop_
_chem_comp.id
_chem_comp.type
_chem_comp.name
_chem_comp.formula
GOL non-polymer GLYCEROL 'C3 H8 O3'
#
# COMPACT_ATOMS: atom_id res chain seq x y z
N ASP A 7 27.43 -8.29 2.46
CA ASP A 7 27.29 -6.85 2.68
C ASP A 7 26.02 -6.31 2.02
N LYS A 8 25.51 -5.19 2.57
CA LYS A 8 24.26 -4.56 2.14
C LYS A 8 24.20 -4.32 0.65
N ASN A 9 25.25 -3.77 0.08
CA ASN A 9 25.28 -3.50 -1.36
C ASN A 9 25.09 -4.74 -2.23
N GLU A 10 25.62 -5.87 -1.79
CA GLU A 10 25.45 -7.11 -2.55
C GLU A 10 24.01 -7.60 -2.50
N LEU A 11 23.38 -7.51 -1.33
CA LEU A 11 21.98 -7.91 -1.20
C LEU A 11 21.06 -7.02 -2.07
N VAL A 12 21.34 -5.72 -2.15
CA VAL A 12 20.57 -4.77 -2.96
C VAL A 12 20.73 -5.13 -4.43
N GLN A 13 21.95 -5.43 -4.88
CA GLN A 13 22.17 -5.83 -6.26
C GLN A 13 21.46 -7.16 -6.58
N LYS A 14 21.43 -8.08 -5.62
CA LYS A 14 20.73 -9.34 -5.72
C LYS A 14 19.21 -9.09 -5.83
N ALA A 15 18.68 -8.08 -5.09
CA ALA A 15 17.26 -7.74 -5.13
C ALA A 15 16.91 -7.18 -6.50
N LYS A 16 17.82 -6.39 -7.11
CA LYS A 16 17.56 -5.83 -8.45
C LYS A 16 17.55 -6.94 -9.49
N LEU A 17 18.44 -7.94 -9.37
CA LEU A 17 18.50 -9.08 -10.26
C LEU A 17 17.20 -9.90 -10.12
N ALA A 18 16.79 -10.17 -8.87
CA ALA A 18 15.57 -10.92 -8.58
C ALA A 18 14.36 -10.20 -9.20
N GLU A 19 14.29 -8.86 -9.08
CA GLU A 19 13.18 -8.10 -9.67
C GLU A 19 13.11 -8.33 -11.16
N GLN A 20 14.26 -8.23 -11.86
CA GLN A 20 14.33 -8.43 -13.30
C GLN A 20 13.84 -9.84 -13.68
N ALA A 21 14.16 -10.84 -12.85
CA ALA A 21 13.78 -12.23 -13.04
C ALA A 21 12.33 -12.53 -12.62
N GLU A 22 11.65 -11.53 -12.04
CA GLU A 22 10.30 -11.62 -11.50
C GLU A 22 10.20 -12.67 -10.42
N ARG A 23 11.22 -12.70 -9.58
CA ARG A 23 11.29 -13.65 -8.46
C ARG A 23 11.19 -12.80 -7.20
N TYR A 24 9.94 -12.40 -6.88
CA TYR A 24 9.65 -11.47 -5.79
C TYR A 24 9.87 -11.98 -4.40
N ASP A 25 9.78 -13.30 -4.16
CA ASP A 25 10.09 -13.82 -2.82
C ASP A 25 11.58 -13.65 -2.60
N ASP A 26 12.43 -13.93 -3.61
CA ASP A 26 13.89 -13.70 -3.47
C ASP A 26 14.15 -12.21 -3.26
N MET A 27 13.45 -11.35 -3.98
CA MET A 27 13.63 -9.91 -3.85
C MET A 27 13.29 -9.44 -2.45
N ALA A 28 12.16 -9.91 -1.94
CA ALA A 28 11.71 -9.57 -0.60
C ALA A 28 12.70 -10.05 0.45
N ALA A 29 13.21 -11.31 0.32
CA ALA A 29 14.17 -11.88 1.29
C ALA A 29 15.41 -11.03 1.32
N CYS A 30 15.91 -10.59 0.14
CA CYS A 30 17.09 -9.72 0.10
C CYS A 30 16.84 -8.43 0.83
N MET A 31 15.71 -7.78 0.53
CA MET A 31 15.40 -6.49 1.13
C MET A 31 15.08 -6.56 2.60
N LYS A 32 14.47 -7.67 3.05
CA LYS A 32 14.22 -7.89 4.46
C LYS A 32 15.60 -8.05 5.17
N SER A 33 16.57 -8.81 4.57
CA SER A 33 17.92 -8.98 5.15
C SER A 33 18.61 -7.64 5.25
N VAL A 34 18.46 -6.77 4.24
CA VAL A 34 19.04 -5.43 4.29
C VAL A 34 18.43 -4.63 5.45
N THR A 35 17.09 -4.63 5.55
CA THR A 35 16.39 -3.89 6.60
C THR A 35 16.83 -4.35 7.99
N GLU A 36 16.99 -5.69 8.18
CA GLU A 36 17.40 -6.30 9.45
C GLU A 36 18.79 -5.92 9.93
N GLN A 37 19.63 -5.38 9.03
CA GLN A 37 20.96 -4.88 9.41
C GLN A 37 20.80 -3.65 10.32
N GLY A 38 19.63 -3.02 10.31
CA GLY A 38 19.30 -1.94 11.21
C GLY A 38 19.61 -0.54 10.77
N ALA A 39 20.34 -0.36 9.67
CA ALA A 39 20.67 0.98 9.17
C ALA A 39 19.56 1.55 8.29
N GLU A 40 19.31 2.84 8.44
CA GLU A 40 18.29 3.56 7.68
C GLU A 40 18.46 3.31 6.17
N LEU A 41 17.36 2.99 5.47
CA LEU A 41 17.41 2.66 4.05
C LEU A 41 17.54 3.90 3.19
N SER A 42 18.23 3.78 2.04
CA SER A 42 18.29 4.85 1.05
C SER A 42 16.94 4.83 0.32
N ASN A 43 16.68 5.86 -0.49
CA ASN A 43 15.45 5.97 -1.26
C ASN A 43 15.29 4.76 -2.20
N GLU A 44 16.39 4.38 -2.83
CA GLU A 44 16.41 3.26 -3.74
C GLU A 44 16.06 1.97 -3.00
N GLU A 45 16.69 1.71 -1.83
CA GLU A 45 16.47 0.51 -1.03
C GLU A 45 15.04 0.45 -0.54
N ARG A 46 14.52 1.60 -0.13
CA ARG A 46 13.16 1.72 0.38
C ARG A 46 12.21 1.30 -0.75
N ASN A 47 12.41 1.83 -1.99
CA ASN A 47 11.59 1.51 -3.15
C ASN A 47 11.65 0.02 -3.50
N LEU A 48 12.84 -0.60 -3.42
CA LEU A 48 13.00 -2.02 -3.70
C LEU A 48 12.23 -2.90 -2.70
N LEU A 49 12.31 -2.58 -1.39
CA LEU A 49 11.62 -3.33 -0.35
C LEU A 49 10.12 -3.26 -0.63
N SER A 50 9.63 -2.05 -0.95
CA SER A 50 8.23 -1.78 -1.23
C SER A 50 7.71 -2.54 -2.47
N VAL A 51 8.46 -2.52 -3.59
CA VAL A 51 8.11 -3.25 -4.82
C VAL A 51 8.05 -4.77 -4.52
N ALA A 52 9.06 -5.30 -3.81
CA ALA A 52 9.12 -6.74 -3.49
C ALA A 52 7.86 -7.15 -2.73
N TYR A 53 7.58 -6.45 -1.62
CA TYR A 53 6.43 -6.83 -0.81
C TYR A 53 5.09 -6.59 -1.47
N LYS A 54 4.99 -5.54 -2.25
CA LYS A 54 3.78 -5.27 -2.98
C LYS A 54 3.44 -6.44 -3.89
N ASN A 55 4.46 -7.04 -4.51
CA ASN A 55 4.23 -8.17 -5.42
C ASN A 55 3.97 -9.46 -4.67
N VAL A 56 4.64 -9.66 -3.55
CA VAL A 56 4.42 -10.83 -2.71
C VAL A 56 3.00 -10.85 -2.19
N VAL A 57 2.54 -9.76 -1.58
CA VAL A 57 1.18 -9.71 -1.07
C VAL A 57 0.17 -9.60 -2.20
N GLY A 58 0.56 -8.92 -3.27
CA GLY A 58 -0.30 -8.72 -4.42
C GLY A 58 -0.80 -10.03 -4.99
N ALA A 59 0.09 -11.00 -5.09
CA ALA A 59 -0.27 -12.33 -5.62
C ALA A 59 -1.38 -12.95 -4.74
N ARG A 60 -1.27 -12.79 -3.42
CA ARG A 60 -2.28 -13.33 -2.50
C ARG A 60 -3.57 -12.55 -2.56
N ARG A 61 -3.51 -11.21 -2.71
CA ARG A 61 -4.73 -10.39 -2.79
C ARG A 61 -5.52 -10.79 -4.02
N SER A 62 -4.83 -10.99 -5.13
CA SER A 62 -5.47 -11.37 -6.37
C SER A 62 -6.06 -12.79 -6.27
N SER A 63 -5.31 -13.74 -5.72
CA SER A 63 -5.84 -15.10 -5.54
C SER A 63 -7.05 -15.08 -4.65
N TRP A 64 -7.01 -14.26 -3.57
CA TRP A 64 -8.09 -14.13 -2.61
C TRP A 64 -9.35 -13.64 -3.31
N ARG A 65 -9.23 -12.61 -4.19
CA ARG A 65 -10.39 -12.06 -4.87
C ARG A 65 -11.02 -13.09 -5.74
N VAL A 66 -10.19 -13.85 -6.48
CA VAL A 66 -10.68 -14.90 -7.36
C VAL A 66 -11.42 -15.99 -6.53
N VAL A 67 -10.76 -16.52 -5.50
CA VAL A 67 -11.38 -17.59 -4.71
C VAL A 67 -12.63 -17.09 -3.95
N SER A 68 -12.64 -15.83 -3.48
CA SER A 68 -13.81 -15.24 -2.82
C SER A 68 -14.99 -15.17 -3.80
N SER A 69 -14.73 -14.74 -5.04
CA SER A 69 -15.75 -14.64 -6.08
C SER A 69 -16.34 -16.02 -6.38
N ILE A 70 -15.51 -17.08 -6.40
CA ILE A 70 -15.96 -18.44 -6.70
C ILE A 70 -16.87 -18.91 -5.59
N GLU A 71 -16.41 -18.71 -4.36
CA GLU A 71 -17.14 -19.10 -3.17
C GLU A 71 -18.53 -18.49 -3.08
N GLN A 72 -18.69 -17.26 -3.59
CA GLN A 72 -19.99 -16.60 -3.60
C GLN A 72 -20.88 -17.20 -4.70
N LYS A 73 -20.33 -17.45 -5.90
CA LYS A 73 -20.99 -18.07 -7.05
C LYS A 73 -21.42 -19.52 -6.78
N THR A 74 -20.80 -20.16 -5.80
CA THR A 74 -21.14 -21.54 -5.46
C THR A 74 -22.09 -21.63 -4.26
N GLU A 75 -22.91 -20.61 -4.08
CA GLU A 75 -23.91 -20.64 -3.03
C GLU A 75 -24.96 -21.64 -3.48
N GLY A 76 -25.29 -22.59 -2.61
CA GLY A 76 -26.25 -23.65 -2.95
C GLY A 76 -25.59 -24.88 -3.57
N ALA A 77 -24.24 -24.89 -3.61
CA ALA A 77 -23.38 -25.96 -4.14
C ALA A 77 -22.42 -26.30 -3.01
N GLU A 78 -22.90 -27.08 -2.05
CA GLU A 78 -22.26 -27.48 -0.79
C GLU A 78 -20.78 -27.87 -0.86
N LYS A 79 -20.46 -28.96 -1.56
CA LYS A 79 -19.10 -29.45 -1.68
C LYS A 79 -18.15 -28.45 -2.31
N LYS A 80 -18.62 -27.70 -3.31
CA LYS A 80 -17.79 -26.73 -4.03
C LYS A 80 -17.56 -25.53 -3.16
N GLN A 81 -18.64 -25.02 -2.51
CA GLN A 81 -18.54 -23.88 -1.64
C GLN A 81 -17.56 -24.12 -0.51
N GLN A 82 -17.64 -25.31 0.13
CA GLN A 82 -16.75 -25.61 1.24
C GLN A 82 -15.30 -25.69 0.81
N MET A 83 -15.04 -26.26 -0.35
CA MET A 83 -13.68 -26.37 -0.82
C MET A 83 -13.09 -24.98 -1.04
N ALA A 84 -13.90 -24.10 -1.62
CA ALA A 84 -13.49 -22.74 -1.90
C ALA A 84 -13.28 -21.97 -0.63
N ARG A 85 -14.09 -22.22 0.43
CA ARG A 85 -13.95 -21.55 1.72
C ARG A 85 -12.61 -21.93 2.33
N GLU A 86 -12.31 -23.22 2.35
CA GLU A 86 -11.08 -23.67 2.96
C GLU A 86 -9.85 -23.15 2.22
N TYR A 87 -9.94 -23.08 0.90
CA TYR A 87 -8.84 -22.58 0.07
C TYR A 87 -8.66 -21.10 0.29
N ARG A 88 -9.78 -20.36 0.38
CA ARG A 88 -9.74 -18.93 0.72
C ARG A 88 -9.04 -18.76 2.06
N GLU A 89 -9.40 -19.57 3.07
CA GLU A 89 -8.78 -19.46 4.40
C GLU A 89 -7.27 -19.71 4.37
N LYS A 90 -6.83 -20.65 3.54
CA LYS A 90 -5.40 -20.93 3.36
C LYS A 90 -4.68 -19.69 2.75
N ILE A 91 -5.27 -19.10 1.68
CA ILE A 91 -4.68 -17.92 1.06
C ILE A 91 -4.67 -16.77 2.06
N GLU A 92 -5.77 -16.62 2.84
CA GLU A 92 -5.86 -15.56 3.87
C GLU A 92 -4.73 -15.67 4.87
N THR A 93 -4.44 -16.90 5.33
CA THR A 93 -3.35 -17.14 6.28
C THR A 93 -2.02 -16.66 5.70
N GLU A 94 -1.73 -17.02 4.44
CA GLU A 94 -0.50 -16.56 3.80
C GLU A 94 -0.45 -15.04 3.76
N LEU A 95 -1.56 -14.40 3.35
CA LEU A 95 -1.64 -12.95 3.23
C LEU A 95 -1.40 -12.28 4.57
N ARG A 96 -2.05 -12.78 5.64
CA ARG A 96 -1.87 -12.20 6.97
C ARG A 96 -0.42 -12.32 7.42
N ASP A 97 0.23 -13.46 7.12
CA ASP A 97 1.64 -13.64 7.51
C ASP A 97 2.56 -12.64 6.81
N ILE A 98 2.29 -12.38 5.54
CA ILE A 98 3.05 -11.42 4.77
C ILE A 98 2.88 -10.03 5.34
N CYS A 99 1.64 -9.62 5.55
CA CYS A 99 1.35 -8.32 6.16
C CYS A 99 2.02 -8.17 7.49
N ASN A 100 1.93 -9.19 8.34
CA ASN A 100 2.54 -9.13 9.66
C ASN A 100 4.06 -9.03 9.60
N ASP A 101 4.68 -9.69 8.63
CA ASP A 101 6.13 -9.63 8.42
C ASP A 101 6.52 -8.15 8.09
N VAL A 102 5.80 -7.49 7.15
CA VAL A 102 6.08 -6.10 6.76
C VAL A 102 5.85 -5.17 7.94
N LEU A 103 4.72 -5.39 8.64
CA LEU A 103 4.36 -4.55 9.78
C LEU A 103 5.39 -4.64 10.89
N SER A 104 5.98 -5.83 11.06
CA SER A 104 7.01 -6.08 12.06
C SER A 104 8.30 -5.30 11.65
N LEU A 105 8.66 -5.30 10.36
CA LEU A 105 9.85 -4.56 9.91
C LEU A 105 9.61 -3.08 10.15
N LEU A 106 8.39 -2.63 9.84
CA LEU A 106 8.03 -1.24 10.04
C LEU A 106 8.18 -0.84 11.51
N GLU A 107 7.69 -1.66 12.44
CA GLU A 107 7.76 -1.33 13.87
C GLU A 107 9.14 -1.47 14.49
N LYS A 108 9.89 -2.50 14.09
CA LYS A 108 11.19 -2.78 14.69
C LYS A 108 12.33 -1.98 14.09
N PHE A 109 12.26 -1.65 12.78
CA PHE A 109 13.38 -0.99 12.12
C PHE A 109 13.06 0.28 11.44
N LEU A 110 12.14 0.22 10.50
CA LEU A 110 11.86 1.32 9.58
C LEU A 110 11.35 2.60 10.20
N ILE A 111 10.22 2.51 10.92
CA ILE A 111 9.64 3.69 11.58
C ILE A 111 10.55 4.28 12.67
N PRO A 112 11.09 3.48 13.62
CA PRO A 112 11.98 4.10 14.62
C PRO A 112 13.29 4.72 14.08
N ASN A 113 13.86 4.19 12.97
CA ASN A 113 15.11 4.70 12.40
C ASN A 113 14.86 5.83 11.42
N ALA A 114 13.58 6.11 11.07
CA ALA A 114 13.32 7.17 10.08
C ALA A 114 13.63 8.53 10.66
N SER A 115 14.72 9.11 10.21
CA SER A 115 15.20 10.39 10.74
C SER A 115 14.83 11.58 9.85
N GLN A 116 14.12 11.31 8.75
CA GLN A 116 13.76 12.28 7.73
C GLN A 116 12.27 12.24 7.52
N ALA A 117 11.64 13.41 7.38
CA ALA A 117 10.21 13.53 7.17
C ALA A 117 9.69 12.67 6.03
N GLU A 118 10.37 12.72 4.86
CA GLU A 118 9.96 11.99 3.67
C GLU A 118 9.87 10.48 3.93
N SER A 119 10.88 9.94 4.63
CA SER A 119 10.92 8.52 4.96
C SER A 119 9.87 8.19 6.04
N LYS A 120 9.61 9.12 6.99
CA LYS A 120 8.57 8.92 8.00
C LYS A 120 7.20 8.78 7.31
N VAL A 121 6.91 9.65 6.36
CA VAL A 121 5.66 9.62 5.61
C VAL A 121 5.56 8.34 4.80
N PHE A 122 6.64 7.98 4.10
CA PHE A 122 6.64 6.78 3.28
C PHE A 122 6.29 5.56 4.11
N TYR A 123 6.94 5.41 5.28
CA TYR A 123 6.74 4.24 6.12
C TYR A 123 5.41 4.21 6.82
N LEU A 124 4.95 5.37 7.29
CA LEU A 124 3.63 5.45 7.91
C LEU A 124 2.55 5.17 6.88
N LYS A 125 2.74 5.61 5.60
CA LYS A 125 1.83 5.29 4.51
C LYS A 125 1.81 3.77 4.31
N MET A 126 2.99 3.14 4.26
CA MET A 126 3.16 1.71 4.09
C MET A 126 2.43 0.95 5.22
N LYS A 127 2.55 1.43 6.46
CA LYS A 127 1.85 0.83 7.60
C LYS A 127 0.32 0.90 7.38
N GLY A 128 -0.19 2.04 6.89
CA GLY A 128 -1.60 2.23 6.56
C GLY A 128 -2.01 1.23 5.49
N ASP A 129 -1.19 1.07 4.44
CA ASP A 129 -1.48 0.13 3.36
C ASP A 129 -1.56 -1.31 3.86
N TYR A 130 -0.62 -1.75 4.67
CA TYR A 130 -0.63 -3.14 5.10
C TYR A 130 -1.70 -3.47 6.13
N TYR A 131 -2.08 -2.51 6.94
CA TYR A 131 -3.26 -2.70 7.78
C TYR A 131 -4.51 -2.70 6.90
N ARG A 132 -4.52 -1.89 5.80
CA ARG A 132 -5.63 -1.89 4.85
C ARG A 132 -5.75 -3.28 4.18
N TYR A 133 -4.62 -3.93 3.85
CA TYR A 133 -4.69 -5.26 3.24
C TYR A 133 -5.22 -6.27 4.26
N LEU A 134 -4.85 -6.12 5.53
CA LEU A 134 -5.37 -6.99 6.59
C LEU A 134 -6.88 -6.74 6.75
N ALA A 135 -7.31 -5.48 6.67
CA ALA A 135 -8.72 -5.13 6.79
C ALA A 135 -9.55 -5.76 5.65
N GLU A 136 -8.98 -5.87 4.44
CA GLU A 136 -9.69 -6.48 3.32
C GLU A 136 -10.09 -7.93 3.61
N VAL A 137 -9.38 -8.62 4.52
CA VAL A 137 -9.62 -10.04 4.88
C VAL A 137 -10.00 -10.26 6.35
N ALA A 138 -10.29 -9.20 7.08
CA ALA A 138 -10.54 -9.30 8.52
C ALA A 138 -11.87 -9.92 8.91
N ALA A 139 -11.85 -10.76 10.01
CA ALA A 139 -13.04 -11.33 10.65
C ALA A 139 -13.81 -10.14 11.20
N GLY A 140 -15.14 -10.15 11.09
CA GLY A 140 -15.96 -9.06 11.59
C GLY A 140 -15.53 -8.57 12.94
N ASP A 141 -15.09 -9.50 13.80
CA ASP A 141 -14.68 -9.15 15.15
C ASP A 141 -13.35 -8.43 15.28
N ASP A 142 -12.41 -8.68 14.37
CA ASP A 142 -11.08 -8.07 14.41
C ASP A 142 -11.00 -6.85 13.57
N LYS A 143 -11.94 -6.71 12.63
CA LYS A 143 -11.97 -5.64 11.66
C LYS A 143 -11.85 -4.25 12.22
N LYS A 144 -12.63 -3.90 13.26
CA LYS A 144 -12.58 -2.55 13.81
C LYS A 144 -11.19 -2.11 14.19
N GLY A 145 -10.49 -2.93 14.98
CA GLY A 145 -9.16 -2.63 15.45
C GLY A 145 -8.18 -2.42 14.32
N ILE A 146 -8.28 -3.27 13.27
CA ILE A 146 -7.40 -3.26 12.10
C ILE A 146 -7.65 -2.00 11.29
N VAL A 147 -8.93 -1.69 11.06
CA VAL A 147 -9.33 -0.47 10.37
C VAL A 147 -8.79 0.75 11.12
N ASP A 148 -8.90 0.77 12.46
CA ASP A 148 -8.37 1.86 13.27
C ASP A 148 -6.87 2.01 13.12
N GLN A 149 -6.13 0.89 13.13
CA GLN A 149 -4.68 0.95 12.96
C GLN A 149 -4.31 1.52 11.59
N SER A 150 -5.04 1.14 10.52
CA SER A 150 -4.76 1.65 9.18
C SER A 150 -5.00 3.16 9.13
N GLN A 151 -6.15 3.59 9.60
CA GLN A 151 -6.52 5.00 9.59
C GLN A 151 -5.53 5.85 10.38
N GLN A 152 -5.13 5.41 11.59
CA GLN A 152 -4.19 6.19 12.40
C GLN A 152 -2.83 6.31 11.71
N ALA A 153 -2.37 5.25 11.04
CA ALA A 153 -1.07 5.31 10.37
C ALA A 153 -1.17 6.31 9.21
N TYR A 154 -2.23 6.21 8.39
CA TYR A 154 -2.43 7.16 7.30
C TYR A 154 -2.59 8.59 7.79
N GLN A 155 -3.36 8.80 8.88
CA GLN A 155 -3.58 10.12 9.44
C GLN A 155 -2.29 10.76 9.90
N GLU A 156 -1.44 9.98 10.60
CA GLU A 156 -0.15 10.51 11.03
C GLU A 156 0.74 10.86 9.84
N ALA A 157 0.78 9.97 8.82
CA ALA A 157 1.56 10.24 7.59
C ALA A 157 1.02 11.52 6.92
N PHE A 158 -0.31 11.68 6.87
CA PHE A 158 -1.00 12.82 6.27
C PHE A 158 -0.60 14.14 6.90
N GLU A 159 -0.57 14.19 8.24
CA GLU A 159 -0.20 15.40 8.98
C GLU A 159 1.23 15.78 8.67
N ILE A 160 2.14 14.80 8.67
CA ILE A 160 3.53 15.10 8.38
C ILE A 160 3.72 15.58 6.95
N SER A 161 3.07 14.91 5.97
CA SER A 161 3.22 15.32 4.58
C SER A 161 2.68 16.71 4.36
N LYS A 162 1.58 17.04 5.00
CA LYS A 162 0.96 18.36 4.86
C LYS A 162 1.91 19.46 5.42
N LYS A 163 2.65 19.15 6.48
CA LYS A 163 3.54 20.12 7.10
C LYS A 163 4.85 20.25 6.35
N GLU A 164 5.42 19.14 5.87
CA GLU A 164 6.77 19.11 5.33
C GLU A 164 6.97 19.10 3.83
N MET A 165 5.92 18.72 3.10
CA MET A 165 6.05 18.53 1.67
C MET A 165 5.20 19.47 0.87
N GLN A 166 5.62 19.76 -0.35
CA GLN A 166 4.84 20.57 -1.26
C GLN A 166 3.67 19.68 -1.78
N PRO A 167 2.51 20.30 -2.13
CA PRO A 167 1.34 19.53 -2.61
C PRO A 167 1.60 18.66 -3.83
N THR A 168 2.67 18.94 -4.59
CA THR A 168 3.06 18.18 -5.80
C THR A 168 4.04 17.04 -5.48
N HIS A 169 4.51 16.94 -4.20
CA HIS A 169 5.45 15.89 -3.85
C HIS A 169 4.82 14.50 -4.12
N PRO A 170 5.48 13.62 -4.91
CA PRO A 170 4.89 12.29 -5.19
C PRO A 170 4.51 11.44 -3.99
N ILE A 171 5.26 11.54 -2.88
CA ILE A 171 4.93 10.75 -1.69
C ILE A 171 3.68 11.32 -1.05
N ARG A 172 3.54 12.64 -1.06
CA ARG A 172 2.36 13.31 -0.52
C ARG A 172 1.15 12.96 -1.38
N LEU A 173 1.31 12.98 -2.70
CA LEU A 173 0.22 12.62 -3.62
C LEU A 173 -0.17 11.15 -3.50
N GLY A 174 0.81 10.25 -3.41
CA GLY A 174 0.55 8.81 -3.29
C GLY A 174 -0.14 8.46 -2.00
N LEU A 175 0.21 9.16 -0.93
CA LEU A 175 -0.47 8.99 0.34
C LEU A 175 -1.93 9.44 0.20
N ALA A 176 -2.18 10.61 -0.42
CA ALA A 176 -3.57 11.05 -0.59
C ALA A 176 -4.35 10.03 -1.41
N LEU A 177 -3.71 9.43 -2.44
CA LEU A 177 -4.38 8.47 -3.27
C LEU A 177 -4.79 7.26 -2.46
N ASN A 178 -3.85 6.67 -1.72
CA ASN A 178 -4.15 5.45 -0.98
C ASN A 178 -5.10 5.68 0.20
N PHE A 179 -4.96 6.83 0.85
CA PHE A 179 -5.83 7.15 1.97
C PHE A 179 -7.25 7.37 1.44
N SER A 180 -7.40 8.02 0.27
CA SER A 180 -8.73 8.22 -0.33
C SER A 180 -9.38 6.85 -0.65
N VAL A 181 -8.59 5.90 -1.18
CA VAL A 181 -9.05 4.54 -1.45
C VAL A 181 -9.48 3.85 -0.14
N PHE A 182 -8.70 4.08 0.93
CA PHE A 182 -9.05 3.54 2.25
C PHE A 182 -10.44 4.05 2.65
N TYR A 183 -10.71 5.35 2.49
CA TYR A 183 -12.03 5.89 2.84
C TYR A 183 -13.13 5.28 2.00
N TYR A 184 -12.91 5.18 0.69
CA TYR A 184 -13.92 4.65 -0.22
C TYR A 184 -14.21 3.18 0.00
N GLU A 185 -13.18 2.32 0.04
CA GLU A 185 -13.36 0.88 0.08
C GLU A 185 -13.47 0.30 1.47
N ILE A 186 -12.69 0.82 2.41
CA ILE A 186 -12.67 0.25 3.75
C ILE A 186 -13.68 0.91 4.67
N LEU A 187 -13.72 2.25 4.72
CA LEU A 187 -14.68 2.95 5.60
C LEU A 187 -16.04 3.18 4.95
N ASN A 188 -16.17 2.88 3.66
CA ASN A 188 -17.40 3.06 2.90
C ASN A 188 -17.91 4.51 3.02
N SER A 189 -16.99 5.47 2.91
CA SER A 189 -17.30 6.90 3.02
C SER A 189 -16.86 7.55 1.74
N PRO A 190 -17.69 7.44 0.68
CA PRO A 190 -17.30 7.99 -0.62
C PRO A 190 -17.10 9.50 -0.69
N GLU A 191 -17.87 10.30 0.11
CA GLU A 191 -17.72 11.74 0.14
C GLU A 191 -16.37 12.15 0.76
N LYS A 192 -15.93 11.50 1.85
CA LYS A 192 -14.62 11.82 2.40
C LYS A 192 -13.54 11.33 1.42
N ALA A 193 -13.78 10.21 0.70
CA ALA A 193 -12.82 9.72 -0.31
C ALA A 193 -12.63 10.76 -1.45
N CYS A 194 -13.75 11.27 -1.96
CA CYS A 194 -13.77 12.26 -3.03
C CYS A 194 -13.15 13.55 -2.59
N SER A 195 -13.48 13.97 -1.39
CA SER A 195 -12.98 15.23 -0.84
C SER A 195 -11.45 15.17 -0.72
N LEU A 196 -10.96 14.07 -0.18
CA LEU A 196 -9.54 13.87 -0.01
C LEU A 196 -8.80 13.85 -1.34
N ALA A 197 -9.37 13.18 -2.33
CA ALA A 197 -8.75 13.08 -3.66
C ALA A 197 -8.83 14.39 -4.42
N LYS A 198 -9.97 15.09 -4.33
CA LYS A 198 -10.17 16.38 -5.01
C LYS A 198 -9.23 17.44 -4.48
N THR A 199 -9.13 17.53 -3.15
CA THR A 199 -8.24 18.51 -2.51
C THR A 199 -6.81 18.27 -2.92
N ALA A 200 -6.36 17.00 -2.88
CA ALA A 200 -4.99 16.65 -3.24
C ALA A 200 -4.71 17.04 -4.68
N PHE A 201 -5.65 16.74 -5.61
CA PHE A 201 -5.47 17.07 -7.02
C PHE A 201 -5.44 18.58 -7.21
N ASP A 202 -6.43 19.27 -6.65
CA ASP A 202 -6.58 20.71 -6.76
C ASP A 202 -5.43 21.50 -6.18
N GLU A 203 -4.91 21.04 -5.03
CA GLU A 203 -3.78 21.73 -4.38
C GLU A 203 -2.49 21.55 -5.16
N ALA A 204 -2.37 20.45 -5.89
CA ALA A 204 -1.22 20.18 -6.75
C ALA A 204 -1.30 21.04 -8.03
N ILE A 205 -2.48 21.11 -8.68
CA ILE A 205 -2.71 21.97 -9.85
C ILE A 205 -2.40 23.41 -9.49
N ALA A 206 -2.93 23.89 -8.34
CA ALA A 206 -2.73 25.26 -7.87
C ALA A 206 -1.26 25.63 -7.63
N GLU A 207 -0.36 24.63 -7.40
CA GLU A 207 1.08 24.84 -7.17
C GLU A 207 1.96 24.01 -8.06
N LEU A 208 1.50 23.82 -9.30
CA LEU A 208 2.17 23.03 -10.32
C LEU A 208 3.56 23.56 -10.61
N ASP A 209 3.84 24.88 -10.34
CA ASP A 209 5.17 25.49 -10.58
C ASP A 209 6.22 24.86 -9.63
N THR A 210 5.75 24.18 -8.57
CA THR A 210 6.62 23.47 -7.61
C THR A 210 7.05 22.04 -8.09
N LEU A 211 6.55 21.60 -9.26
CA LEU A 211 6.97 20.29 -9.80
C LEU A 211 8.46 20.41 -10.07
N SER A 212 9.19 19.30 -9.96
CA SER A 212 10.63 19.30 -10.26
C SER A 212 10.85 18.49 -11.54
N GLU A 213 11.89 18.81 -12.32
CA GLU A 213 12.19 18.03 -13.52
C GLU A 213 12.55 16.52 -13.19
N GLU A 214 12.95 16.27 -11.93
CA GLU A 214 13.34 14.95 -11.44
C GLU A 214 12.12 14.09 -11.16
N SER A 215 11.01 14.69 -10.77
CA SER A 215 9.85 13.89 -10.37
C SER A 215 8.49 14.33 -10.94
N TYR A 216 8.48 15.30 -11.87
CA TYR A 216 7.21 15.75 -12.40
C TYR A 216 6.37 14.67 -13.03
N LYS A 217 6.99 13.70 -13.73
CA LYS A 217 6.24 12.60 -14.32
C LYS A 217 5.69 11.65 -13.24
N ASP A 218 6.43 11.48 -12.12
CA ASP A 218 5.92 10.64 -11.01
C ASP A 218 4.70 11.33 -10.40
N SER A 219 4.79 12.67 -10.18
CA SER A 219 3.69 13.46 -9.63
C SER A 219 2.49 13.44 -10.53
N THR A 220 2.67 13.74 -11.83
CA THR A 220 1.53 13.81 -12.75
C THR A 220 0.90 12.46 -12.96
N LEU A 221 1.66 11.37 -12.90
CA LEU A 221 1.03 10.04 -12.98
C LEU A 221 0.06 9.80 -11.82
N ILE A 222 0.48 10.14 -10.59
CA ILE A 222 -0.37 9.99 -9.41
C ILE A 222 -1.59 10.92 -9.50
N MET A 223 -1.41 12.12 -10.01
CA MET A 223 -2.50 13.06 -10.22
C MET A 223 -3.53 12.47 -11.18
N GLN A 224 -3.10 11.78 -12.23
CA GLN A 224 -4.02 11.13 -13.17
C GLN A 224 -4.84 10.07 -12.44
N LEU A 225 -4.20 9.30 -11.55
CA LEU A 225 -4.87 8.25 -10.79
C LEU A 225 -5.88 8.86 -9.86
N LEU A 226 -5.51 9.98 -9.21
CA LEU A 226 -6.46 10.67 -8.31
C LEU A 226 -7.69 11.08 -9.08
N ARG A 227 -7.48 11.71 -10.23
CA ARG A 227 -8.61 12.21 -10.98
C ARG A 227 -9.43 11.12 -11.56
N ASP A 228 -8.81 10.02 -11.98
CA ASP A 228 -9.55 8.90 -12.56
C ASP A 228 -10.44 8.26 -11.49
N ASN A 229 -9.92 8.13 -10.27
CA ASN A 229 -10.73 7.59 -9.16
C ASN A 229 -11.89 8.55 -8.88
N LEU A 230 -11.60 9.84 -8.82
CA LEU A 230 -12.62 10.85 -8.63
C LEU A 230 -13.70 10.77 -9.70
N THR A 231 -13.29 10.61 -10.96
CA THR A 231 -14.24 10.46 -12.05
C THR A 231 -15.12 9.26 -11.81
N LEU A 232 -14.52 8.10 -11.49
CA LEU A 232 -15.24 6.86 -11.23
C LEU A 232 -16.24 7.07 -10.11
N TRP A 233 -15.80 7.71 -9.03
CA TRP A 233 -16.61 7.82 -7.83
C TRP A 233 -17.72 8.86 -7.87
N THR A 234 -17.63 9.82 -8.81
CA THR A 234 -18.58 10.94 -8.94
C THR A 234 -19.51 10.70 -10.12
N SER A 235 -19.40 9.54 -10.76
CA SER A 235 -20.15 9.17 -11.96
C SER A 235 -21.35 8.25 -11.72
N LYS B 4 -9.45 -6.38 -10.80
CA LYS B 4 -10.83 -6.20 -11.21
C LYS B 4 -11.46 -5.01 -10.51
N ARG B 5 -10.74 -4.41 -9.58
CA ARG B 5 -11.24 -3.21 -8.89
C ARG B 5 -11.05 -2.05 -9.85
N GLN B 6 -12.09 -1.23 -10.01
CA GLN B 6 -12.05 -0.10 -10.94
C GLN B 6 -11.13 1.03 -10.52
N TYR B 7 -11.18 1.41 -9.25
CA TYR B 7 -10.35 2.49 -8.74
C TYR B 7 -8.99 1.94 -8.32
N LYS B 8 -7.97 2.78 -8.41
CA LYS B 8 -6.60 2.38 -8.16
C LYS B 8 -5.94 2.98 -6.94
N SEP B 9 -5.05 2.22 -6.34
CA SEP B 9 -4.13 2.65 -5.31
CB SEP B 9 -4.15 1.60 -4.18
OG SEP B 9 -3.76 0.37 -4.74
C SEP B 9 -2.75 2.80 -6.08
O SEP B 9 -2.66 2.50 -7.28
P SEP B 9 -3.57 -0.85 -3.66
O1P SEP B 9 -3.06 -2.04 -4.37
O2P SEP B 9 -2.55 -0.56 -2.56
O3P SEP B 9 -5.02 -1.18 -3.11
N ILE B 10 -1.68 3.22 -5.38
CA ILE B 10 -0.34 3.38 -5.95
C ILE B 10 0.16 2.07 -6.55
N LEU B 11 0.58 2.14 -7.81
CA LEU B 11 1.05 0.99 -8.56
C LEU B 11 -0.09 0.07 -9.00
C1 GOL C . 6.95 21.73 -14.57
O1 GOL C . 7.41 20.76 -15.52
C2 GOL C . 8.09 22.31 -13.78
O2 GOL C . 7.59 22.83 -12.54
C3 GOL C . 8.91 23.36 -14.51
O3 GOL C . 8.96 24.64 -13.86
#